data_2LK9
# 
_entry.id   2LK9 
# 
_audit_conform.dict_name       mmcif_pdbx.dic 
_audit_conform.dict_version    5.392 
_audit_conform.dict_location   http://mmcif.pdb.org/dictionaries/ascii/mmcif_pdbx.dic 
# 
loop_
_database_2.database_id 
_database_2.database_code 
_database_2.pdbx_database_accession 
_database_2.pdbx_DOI 
PDB   2LK9         pdb_00002lk9 10.2210/pdb2lk9/pdb 
RCSB  RCSB102484   ?            ?                   
BMRB  17985        ?            10.13018/BMR17985   
WWPDB D_1000102484 ?            ?                   
# 
loop_
_pdbx_audit_revision_history.ordinal 
_pdbx_audit_revision_history.data_content_type 
_pdbx_audit_revision_history.major_revision 
_pdbx_audit_revision_history.minor_revision 
_pdbx_audit_revision_history.revision_date 
1 'Structure model' 1 0 2011-11-09 
2 'Structure model' 1 1 2012-01-18 
3 'Structure model' 1 2 2023-06-14 
4 'Structure model' 1 3 2024-05-15 
# 
_pdbx_audit_revision_details.ordinal             1 
_pdbx_audit_revision_details.revision_ordinal    1 
_pdbx_audit_revision_details.data_content_type   'Structure model' 
_pdbx_audit_revision_details.provider            repository 
_pdbx_audit_revision_details.type                'Initial release' 
_pdbx_audit_revision_details.description         ? 
_pdbx_audit_revision_details.details             ? 
# 
loop_
_pdbx_audit_revision_group.ordinal 
_pdbx_audit_revision_group.revision_ordinal 
_pdbx_audit_revision_group.data_content_type 
_pdbx_audit_revision_group.group 
1 2 'Structure model' 'Database references' 
2 3 'Structure model' 'Data collection'     
3 3 'Structure model' 'Database references' 
4 3 'Structure model' Other                 
5 4 'Structure model' 'Data collection'     
6 4 'Structure model' 'Database references' 
# 
loop_
_pdbx_audit_revision_category.ordinal 
_pdbx_audit_revision_category.revision_ordinal 
_pdbx_audit_revision_category.data_content_type 
_pdbx_audit_revision_category.category 
1 3 'Structure model' database_2            
2 3 'Structure model' pdbx_database_status  
3 3 'Structure model' pdbx_nmr_software     
4 3 'Structure model' pdbx_nmr_spectrometer 
5 3 'Structure model' struct_ref_seq_dif    
6 4 'Structure model' chem_comp_atom        
7 4 'Structure model' chem_comp_bond        
8 4 'Structure model' database_2            
# 
loop_
_pdbx_audit_revision_item.ordinal 
_pdbx_audit_revision_item.revision_ordinal 
_pdbx_audit_revision_item.data_content_type 
_pdbx_audit_revision_item.item 
1 3 'Structure model' '_database_2.pdbx_DOI'                       
2 3 'Structure model' '_database_2.pdbx_database_accession'        
3 3 'Structure model' '_pdbx_database_status.status_code_nmr_data' 
4 3 'Structure model' '_pdbx_nmr_software.name'                    
5 3 'Structure model' '_pdbx_nmr_spectrometer.model'               
6 3 'Structure model' '_struct_ref_seq_dif.details'                
7 4 'Structure model' '_database_2.pdbx_DOI'                       
# 
_pdbx_database_status.deposit_site                    BMRB 
_pdbx_database_status.entry_id                        2LK9 
_pdbx_database_status.process_site                    RCSB 
_pdbx_database_status.recvd_initial_deposition_date   2011-10-07 
_pdbx_database_status.SG_entry                        ? 
_pdbx_database_status.status_code                     REL 
_pdbx_database_status.status_code_mr                  REL 
_pdbx_database_status.status_code_sf                  ? 
_pdbx_database_status.status_code_cs                  REL 
_pdbx_database_status.pdb_format_compatible           Y 
_pdbx_database_status.status_code_nmr_data            REL 
_pdbx_database_status.methods_development_category    ? 
# 
_pdbx_database_related.db_id          17985 
_pdbx_database_related.db_name        BMRB 
_pdbx_database_related.content_type   unspecified 
_pdbx_database_related.details        . 
# 
loop_
_audit_author.name 
_audit_author.pdbx_ordinal 
'Skasko, M.'   1 
'Wang, Y.'     2 
'Tian, Y.'     3 
'Tokarev, A.'  4 
'Munguia, J.'  5 
'Ruiz, A.'     6 
'Stephens, E.' 7 
'Opella, S.'   8 
'Guatelli, J.' 9 
# 
_citation.id                        primary 
_citation.title                     
'HIV-1 Vpu Protein Antagonizes Innate Restriction Factor BST-2 via Lipid-embedded Helix-Helix Interactions.' 
_citation.journal_abbrev            J.Biol.Chem. 
_citation.journal_volume            287 
_citation.page_first                58 
_citation.page_last                 67 
_citation.year                      2012 
_citation.journal_id_ASTM           JBCHA3 
_citation.country                   US 
_citation.journal_id_ISSN           0021-9258 
_citation.journal_id_CSD            0071 
_citation.book_publisher            ? 
_citation.pdbx_database_id_PubMed   22072710 
_citation.pdbx_database_id_DOI      10.1074/jbc.M111.296772 
# 
loop_
_citation_author.citation_id 
_citation_author.name 
_citation_author.ordinal 
_citation_author.identifier_ORCID 
primary 'Skasko, M.'     1 ? 
primary 'Wang, Y.'       2 ? 
primary 'Tian, Y.'       3 ? 
primary 'Tokarev, A.'    4 ? 
primary 'Munguia, J.'    5 ? 
primary 'Ruiz, A.'       6 ? 
primary 'Stephens, E.B.' 7 ? 
primary 'Opella, S.J.'   8 ? 
primary 'Guatelli, J.'   9 ? 
# 
_entity.id                         1 
_entity.type                       polymer 
_entity.src_method                 man 
_entity.pdbx_description           'Bone marrow stromal antigen 2' 
_entity.formula_weight             3920.190 
_entity.pdbx_number_of_molecules   1 
_entity.pdbx_ec                    ? 
_entity.pdbx_mutation              C20S 
_entity.pdbx_fragment              'Helical Signal-anchor for type II membrane protein region residues 22-45' 
_entity.details                    ? 
# 
_entity_name_com.entity_id   1 
_entity_name_com.name        'BST-2, HM1.24 antigen, Tetherin' 
# 
_entity_poly.entity_id                      1 
_entity_poly.type                           'polypeptide(L)' 
_entity_poly.nstd_linkage                   no 
_entity_poly.nstd_monomer                   no 
_entity_poly.pdbx_seq_one_letter_code       KRSKLLLGIGILVLLIIVILGVPLIIFTIKKKKKK 
_entity_poly.pdbx_seq_one_letter_code_can   KRSKLLLGIGILVLLIIVILGVPLIIFTIKKKKKK 
_entity_poly.pdbx_strand_id                 A 
_entity_poly.pdbx_target_identifier         ? 
# 
loop_
_entity_poly_seq.entity_id 
_entity_poly_seq.num 
_entity_poly_seq.mon_id 
_entity_poly_seq.hetero 
1 1  LYS n 
1 2  ARG n 
1 3  SER n 
1 4  LYS n 
1 5  LEU n 
1 6  LEU n 
1 7  LEU n 
1 8  GLY n 
1 9  ILE n 
1 10 GLY n 
1 11 ILE n 
1 12 LEU n 
1 13 VAL n 
1 14 LEU n 
1 15 LEU n 
1 16 ILE n 
1 17 ILE n 
1 18 VAL n 
1 19 ILE n 
1 20 LEU n 
1 21 GLY n 
1 22 VAL n 
1 23 PRO n 
1 24 LEU n 
1 25 ILE n 
1 26 ILE n 
1 27 PHE n 
1 28 THR n 
1 29 ILE n 
1 30 LYS n 
1 31 LYS n 
1 32 LYS n 
1 33 LYS n 
1 34 LYS n 
1 35 LYS n 
# 
_entity_src_gen.entity_id                          1 
_entity_src_gen.pdbx_src_id                        1 
_entity_src_gen.pdbx_alt_source_flag               sample 
_entity_src_gen.pdbx_seq_type                      ? 
_entity_src_gen.pdbx_beg_seq_num                   ? 
_entity_src_gen.pdbx_end_seq_num                   ? 
_entity_src_gen.gene_src_common_name               human 
_entity_src_gen.gene_src_genus                     ? 
_entity_src_gen.pdbx_gene_src_gene                 BST2 
_entity_src_gen.gene_src_species                   ? 
_entity_src_gen.gene_src_strain                    ? 
_entity_src_gen.gene_src_tissue                    ? 
_entity_src_gen.gene_src_tissue_fraction           ? 
_entity_src_gen.gene_src_details                   ? 
_entity_src_gen.pdbx_gene_src_fragment             ? 
_entity_src_gen.pdbx_gene_src_scientific_name      'Homo sapiens' 
_entity_src_gen.pdbx_gene_src_ncbi_taxonomy_id     9606 
_entity_src_gen.pdbx_gene_src_variant              ? 
_entity_src_gen.pdbx_gene_src_cell_line            ? 
_entity_src_gen.pdbx_gene_src_atcc                 ? 
_entity_src_gen.pdbx_gene_src_organ                ? 
_entity_src_gen.pdbx_gene_src_organelle            ? 
_entity_src_gen.pdbx_gene_src_cell                 ? 
_entity_src_gen.pdbx_gene_src_cellular_location    ? 
_entity_src_gen.host_org_common_name               ? 
_entity_src_gen.pdbx_host_org_scientific_name      'Escherichia coli' 
_entity_src_gen.pdbx_host_org_ncbi_taxonomy_id     562 
_entity_src_gen.host_org_genus                     ? 
_entity_src_gen.pdbx_host_org_gene                 ? 
_entity_src_gen.pdbx_host_org_organ                ? 
_entity_src_gen.host_org_species                   ? 
_entity_src_gen.pdbx_host_org_tissue               ? 
_entity_src_gen.pdbx_host_org_tissue_fraction      ? 
_entity_src_gen.pdbx_host_org_strain               ? 
_entity_src_gen.pdbx_host_org_variant              ? 
_entity_src_gen.pdbx_host_org_cell_line            ? 
_entity_src_gen.pdbx_host_org_atcc                 ? 
_entity_src_gen.pdbx_host_org_culture_collection   ? 
_entity_src_gen.pdbx_host_org_cell                 ? 
_entity_src_gen.pdbx_host_org_organelle            ? 
_entity_src_gen.pdbx_host_org_cellular_location    ? 
_entity_src_gen.pdbx_host_org_vector_type          ? 
_entity_src_gen.pdbx_host_org_vector               'pET31b(+)' 
_entity_src_gen.host_org_details                   ? 
_entity_src_gen.expression_system_id               ? 
_entity_src_gen.plasmid_name                       ? 
_entity_src_gen.plasmid_details                    ? 
_entity_src_gen.pdbx_description                   ? 
# 
loop_
_chem_comp.id 
_chem_comp.type 
_chem_comp.mon_nstd_flag 
_chem_comp.name 
_chem_comp.pdbx_synonyms 
_chem_comp.formula 
_chem_comp.formula_weight 
ARG 'L-peptide linking' y ARGININE      ? 'C6 H15 N4 O2 1' 175.209 
CYS 'L-peptide linking' y CYSTEINE      ? 'C3 H7 N O2 S'   121.158 
GLY 'peptide linking'   y GLYCINE       ? 'C2 H5 N O2'     75.067  
ILE 'L-peptide linking' y ISOLEUCINE    ? 'C6 H13 N O2'    131.173 
LEU 'L-peptide linking' y LEUCINE       ? 'C6 H13 N O2'    131.173 
LYS 'L-peptide linking' y LYSINE        ? 'C6 H15 N2 O2 1' 147.195 
PHE 'L-peptide linking' y PHENYLALANINE ? 'C9 H11 N O2'    165.189 
PRO 'L-peptide linking' y PROLINE       ? 'C5 H9 N O2'     115.130 
SER 'L-peptide linking' y SERINE        ? 'C3 H7 N O3'     105.093 
THR 'L-peptide linking' y THREONINE     ? 'C4 H9 N O3'     119.119 
VAL 'L-peptide linking' y VALINE        ? 'C5 H11 N O2'    117.146 
# 
loop_
_pdbx_poly_seq_scheme.asym_id 
_pdbx_poly_seq_scheme.entity_id 
_pdbx_poly_seq_scheme.seq_id 
_pdbx_poly_seq_scheme.mon_id 
_pdbx_poly_seq_scheme.ndb_seq_num 
_pdbx_poly_seq_scheme.pdb_seq_num 
_pdbx_poly_seq_scheme.auth_seq_num 
_pdbx_poly_seq_scheme.pdb_mon_id 
_pdbx_poly_seq_scheme.auth_mon_id 
_pdbx_poly_seq_scheme.pdb_strand_id 
_pdbx_poly_seq_scheme.pdb_ins_code 
_pdbx_poly_seq_scheme.hetero 
A 1 1  LYS 1  18 ?  ?   ?   A . n 
A 1 2  ARG 2  19 ?  ?   ?   A . n 
A 1 3  SER 3  20 ?  ?   ?   A . n 
A 1 4  LYS 4  21 ?  ?   ?   A . n 
A 1 5  LEU 5  22 22 LEU LEU A . n 
A 1 6  LEU 6  23 23 LEU LEU A . n 
A 1 7  LEU 7  24 24 LEU LEU A . n 
A 1 8  GLY 8  25 25 GLY GLY A . n 
A 1 9  ILE 9  26 26 ILE ILE A . n 
A 1 10 GLY 10 27 27 GLY GLY A . n 
A 1 11 ILE 11 28 28 ILE ILE A . n 
A 1 12 LEU 12 29 29 LEU LEU A . n 
A 1 13 VAL 13 30 30 VAL VAL A . n 
A 1 14 LEU 14 31 31 LEU LEU A . n 
A 1 15 LEU 15 32 32 LEU LEU A . n 
A 1 16 ILE 16 33 33 ILE ILE A . n 
A 1 17 ILE 17 34 34 ILE ILE A . n 
A 1 18 VAL 18 35 35 VAL VAL A . n 
A 1 19 ILE 19 36 36 ILE ILE A . n 
A 1 20 LEU 20 37 37 LEU LEU A . n 
A 1 21 GLY 21 38 38 GLY GLY A . n 
A 1 22 VAL 22 39 39 VAL VAL A . n 
A 1 23 PRO 23 40 40 PRO PRO A . n 
A 1 24 LEU 24 41 41 LEU LEU A . n 
A 1 25 ILE 25 42 42 ILE ILE A . n 
A 1 26 ILE 26 43 43 ILE ILE A . n 
A 1 27 PHE 27 44 44 PHE PHE A . n 
A 1 28 THR 28 45 45 THR THR A . n 
A 1 29 ILE 29 46 ?  ?   ?   A . n 
A 1 30 LYS 30 47 ?  ?   ?   A . n 
A 1 31 LYS 31 48 ?  ?   ?   A . n 
A 1 32 LYS 32 49 ?  ?   ?   A . n 
A 1 33 LYS 33 50 ?  ?   ?   A . n 
A 1 34 LYS 34 51 ?  ?   ?   A . n 
A 1 35 LYS 35 52 ?  ?   ?   A . n 
# 
loop_
_pdbx_unobs_or_zero_occ_atoms.id 
_pdbx_unobs_or_zero_occ_atoms.PDB_model_num 
_pdbx_unobs_or_zero_occ_atoms.polymer_flag 
_pdbx_unobs_or_zero_occ_atoms.occupancy_flag 
_pdbx_unobs_or_zero_occ_atoms.auth_asym_id 
_pdbx_unobs_or_zero_occ_atoms.auth_comp_id 
_pdbx_unobs_or_zero_occ_atoms.auth_seq_id 
_pdbx_unobs_or_zero_occ_atoms.PDB_ins_code 
_pdbx_unobs_or_zero_occ_atoms.auth_atom_id 
_pdbx_unobs_or_zero_occ_atoms.label_alt_id 
_pdbx_unobs_or_zero_occ_atoms.label_asym_id 
_pdbx_unobs_or_zero_occ_atoms.label_comp_id 
_pdbx_unobs_or_zero_occ_atoms.label_seq_id 
_pdbx_unobs_or_zero_occ_atoms.label_atom_id 
1  1 Y 1 A LEU 22 ? CB  ? A LEU 5  CB  
2  1 Y 1 A LEU 22 ? CG  ? A LEU 5  CG  
3  1 Y 1 A LEU 22 ? CD1 ? A LEU 5  CD1 
4  1 Y 1 A LEU 22 ? CD2 ? A LEU 5  CD2 
5  1 Y 1 A LEU 23 ? CB  ? A LEU 6  CB  
6  1 Y 1 A LEU 23 ? CG  ? A LEU 6  CG  
7  1 Y 1 A LEU 23 ? CD1 ? A LEU 6  CD1 
8  1 Y 1 A LEU 23 ? CD2 ? A LEU 6  CD2 
9  1 Y 1 A LEU 24 ? CB  ? A LEU 7  CB  
10 1 Y 1 A LEU 24 ? CG  ? A LEU 7  CG  
11 1 Y 1 A LEU 24 ? CD1 ? A LEU 7  CD1 
12 1 Y 1 A LEU 24 ? CD2 ? A LEU 7  CD2 
13 1 Y 1 A ILE 26 ? CB  ? A ILE 9  CB  
14 1 Y 1 A ILE 26 ? CG1 ? A ILE 9  CG1 
15 1 Y 1 A ILE 26 ? CG2 ? A ILE 9  CG2 
16 1 Y 1 A ILE 26 ? CD1 ? A ILE 9  CD1 
17 1 Y 1 A ILE 28 ? CB  ? A ILE 11 CB  
18 1 Y 1 A ILE 28 ? CG1 ? A ILE 11 CG1 
19 1 Y 1 A ILE 28 ? CG2 ? A ILE 11 CG2 
20 1 Y 1 A ILE 28 ? CD1 ? A ILE 11 CD1 
21 1 Y 1 A LEU 29 ? CB  ? A LEU 12 CB  
22 1 Y 1 A LEU 29 ? CG  ? A LEU 12 CG  
23 1 Y 1 A LEU 29 ? CD1 ? A LEU 12 CD1 
24 1 Y 1 A LEU 29 ? CD2 ? A LEU 12 CD2 
25 1 Y 1 A VAL 30 ? CB  ? A VAL 13 CB  
26 1 Y 1 A VAL 30 ? CG1 ? A VAL 13 CG1 
27 1 Y 1 A VAL 30 ? CG2 ? A VAL 13 CG2 
28 1 Y 1 A LEU 31 ? CB  ? A LEU 14 CB  
29 1 Y 1 A LEU 31 ? CG  ? A LEU 14 CG  
30 1 Y 1 A LEU 31 ? CD1 ? A LEU 14 CD1 
31 1 Y 1 A LEU 31 ? CD2 ? A LEU 14 CD2 
32 1 Y 1 A LEU 32 ? CB  ? A LEU 15 CB  
33 1 Y 1 A LEU 32 ? CG  ? A LEU 15 CG  
34 1 Y 1 A LEU 32 ? CD1 ? A LEU 15 CD1 
35 1 Y 1 A LEU 32 ? CD2 ? A LEU 15 CD2 
36 1 Y 1 A ILE 33 ? CB  ? A ILE 16 CB  
37 1 Y 1 A ILE 33 ? CG1 ? A ILE 16 CG1 
38 1 Y 1 A ILE 33 ? CG2 ? A ILE 16 CG2 
39 1 Y 1 A ILE 33 ? CD1 ? A ILE 16 CD1 
40 1 Y 1 A ILE 34 ? CB  ? A ILE 17 CB  
41 1 Y 1 A ILE 34 ? CG1 ? A ILE 17 CG1 
42 1 Y 1 A ILE 34 ? CG2 ? A ILE 17 CG2 
43 1 Y 1 A ILE 34 ? CD1 ? A ILE 17 CD1 
44 1 Y 1 A VAL 35 ? CB  ? A VAL 18 CB  
45 1 Y 1 A VAL 35 ? CG1 ? A VAL 18 CG1 
46 1 Y 1 A VAL 35 ? CG2 ? A VAL 18 CG2 
47 1 Y 1 A ILE 36 ? CB  ? A ILE 19 CB  
48 1 Y 1 A ILE 36 ? CG1 ? A ILE 19 CG1 
49 1 Y 1 A ILE 36 ? CG2 ? A ILE 19 CG2 
50 1 Y 1 A ILE 36 ? CD1 ? A ILE 19 CD1 
51 1 Y 1 A LEU 37 ? CB  ? A LEU 20 CB  
52 1 Y 1 A LEU 37 ? CG  ? A LEU 20 CG  
53 1 Y 1 A LEU 37 ? CD1 ? A LEU 20 CD1 
54 1 Y 1 A LEU 37 ? CD2 ? A LEU 20 CD2 
55 1 Y 1 A VAL 39 ? CB  ? A VAL 22 CB  
56 1 Y 1 A VAL 39 ? CG1 ? A VAL 22 CG1 
57 1 Y 1 A VAL 39 ? CG2 ? A VAL 22 CG2 
58 1 Y 1 A PRO 40 ? CB  ? A PRO 23 CB  
59 1 Y 1 A PRO 40 ? CG  ? A PRO 23 CG  
60 1 Y 1 A PRO 40 ? CD  ? A PRO 23 CD  
61 1 Y 1 A LEU 41 ? CB  ? A LEU 24 CB  
62 1 Y 1 A LEU 41 ? CG  ? A LEU 24 CG  
63 1 Y 1 A LEU 41 ? CD1 ? A LEU 24 CD1 
64 1 Y 1 A LEU 41 ? CD2 ? A LEU 24 CD2 
65 1 Y 1 A ILE 42 ? CB  ? A ILE 25 CB  
66 1 Y 1 A ILE 42 ? CG1 ? A ILE 25 CG1 
67 1 Y 1 A ILE 42 ? CG2 ? A ILE 25 CG2 
68 1 Y 1 A ILE 42 ? CD1 ? A ILE 25 CD1 
69 1 Y 1 A ILE 43 ? CB  ? A ILE 26 CB  
70 1 Y 1 A ILE 43 ? CG1 ? A ILE 26 CG1 
71 1 Y 1 A ILE 43 ? CG2 ? A ILE 26 CG2 
72 1 Y 1 A ILE 43 ? CD1 ? A ILE 26 CD1 
73 1 Y 1 A PHE 44 ? CB  ? A PHE 27 CB  
74 1 Y 1 A PHE 44 ? CG  ? A PHE 27 CG  
75 1 Y 1 A PHE 44 ? CD1 ? A PHE 27 CD1 
76 1 Y 1 A PHE 44 ? CD2 ? A PHE 27 CD2 
77 1 Y 1 A PHE 44 ? CE1 ? A PHE 27 CE1 
78 1 Y 1 A PHE 44 ? CE2 ? A PHE 27 CE2 
79 1 Y 1 A PHE 44 ? CZ  ? A PHE 27 CZ  
80 1 Y 1 A THR 45 ? CB  ? A THR 28 CB  
81 1 Y 1 A THR 45 ? OG1 ? A THR 28 OG1 
82 1 Y 1 A THR 45 ? CG2 ? A THR 28 CG2 
# 
_exptl.absorpt_coefficient_mu     ? 
_exptl.absorpt_correction_T_max   ? 
_exptl.absorpt_correction_T_min   ? 
_exptl.absorpt_correction_type    ? 
_exptl.absorpt_process_details    ? 
_exptl.crystals_number            ? 
_exptl.details                    ? 
_exptl.entry_id                   2LK9 
_exptl.method                     'SOLUTION NMR' 
_exptl.method_details             ? 
# 
_struct.entry_id                  2LK9 
_struct.title                     'Structure of BST-2/Tetherin Transmembrane Domain' 
_struct.pdbx_model_details        'closest to the average, model 1' 
_struct.pdbx_CASP_flag            ? 
_struct.pdbx_model_type_details   ? 
# 
_struct_keywords.entry_id        2LK9 
_struct_keywords.pdbx_keywords   'ANTIVIRAL PROTEIN/IMMUNE SYSTEM' 
_struct_keywords.text            'Membrane, Micelle, ANTIVIRAL PROTEIN-IMMUNE SYSTEM complex' 
# 
_struct_asym.id                            A 
_struct_asym.pdbx_blank_PDB_chainid_flag   N 
_struct_asym.pdbx_modified                 N 
_struct_asym.entity_id                     1 
_struct_asym.details                       ? 
# 
_struct_ref.id                         1 
_struct_ref.db_name                    UNP 
_struct_ref.db_code                    BST2_HUMAN 
_struct_ref.pdbx_db_accession          Q10589 
_struct_ref.entity_id                  1 
_struct_ref.pdbx_seq_one_letter_code   KRCKLLLGIGILVLLIIVILGVPLIIFTIK 
_struct_ref.pdbx_align_begin           18 
_struct_ref.pdbx_db_isoform            ? 
# 
_struct_ref_seq.align_id                      1 
_struct_ref_seq.ref_id                        1 
_struct_ref_seq.pdbx_PDB_id_code              2LK9 
_struct_ref_seq.pdbx_strand_id                A 
_struct_ref_seq.seq_align_beg                 1 
_struct_ref_seq.pdbx_seq_align_beg_ins_code   ? 
_struct_ref_seq.seq_align_end                 30 
_struct_ref_seq.pdbx_seq_align_end_ins_code   ? 
_struct_ref_seq.pdbx_db_accession             Q10589 
_struct_ref_seq.db_align_beg                  18 
_struct_ref_seq.pdbx_db_align_beg_ins_code    ? 
_struct_ref_seq.db_align_end                  47 
_struct_ref_seq.pdbx_db_align_end_ins_code    ? 
_struct_ref_seq.pdbx_auth_seq_align_beg       18 
_struct_ref_seq.pdbx_auth_seq_align_end       47 
# 
loop_
_struct_ref_seq_dif.align_id 
_struct_ref_seq_dif.pdbx_pdb_id_code 
_struct_ref_seq_dif.mon_id 
_struct_ref_seq_dif.pdbx_pdb_strand_id 
_struct_ref_seq_dif.seq_num 
_struct_ref_seq_dif.pdbx_pdb_ins_code 
_struct_ref_seq_dif.pdbx_seq_db_name 
_struct_ref_seq_dif.pdbx_seq_db_accession_code 
_struct_ref_seq_dif.db_mon_id 
_struct_ref_seq_dif.pdbx_seq_db_seq_num 
_struct_ref_seq_dif.details 
_struct_ref_seq_dif.pdbx_auth_seq_num 
_struct_ref_seq_dif.pdbx_ordinal 
1 2LK9 SER A 3  ? UNP Q10589 CYS 20 'engineered mutation' 20 1 
1 2LK9 LYS A 31 ? UNP Q10589 ?   ?  'expression tag'      48 2 
1 2LK9 LYS A 32 ? UNP Q10589 ?   ?  'expression tag'      49 3 
1 2LK9 LYS A 33 ? UNP Q10589 ?   ?  'expression tag'      50 4 
1 2LK9 LYS A 34 ? UNP Q10589 ?   ?  'expression tag'      51 5 
1 2LK9 LYS A 35 ? UNP Q10589 ?   ?  'expression tag'      52 6 
# 
_pdbx_struct_assembly.id                   1 
_pdbx_struct_assembly.details              author_defined_assembly 
_pdbx_struct_assembly.method_details       ? 
_pdbx_struct_assembly.oligomeric_details   monomeric 
_pdbx_struct_assembly.oligomeric_count     1 
# 
_pdbx_struct_assembly_gen.assembly_id       1 
_pdbx_struct_assembly_gen.oper_expression   1 
_pdbx_struct_assembly_gen.asym_id_list      A 
# 
_pdbx_struct_oper_list.id                   1 
_pdbx_struct_oper_list.type                 'identity operation' 
_pdbx_struct_oper_list.name                 1_555 
_pdbx_struct_oper_list.symmetry_operation   x,y,z 
_pdbx_struct_oper_list.matrix[1][1]         1.0000000000 
_pdbx_struct_oper_list.matrix[1][2]         0.0000000000 
_pdbx_struct_oper_list.matrix[1][3]         0.0000000000 
_pdbx_struct_oper_list.vector[1]            0.0000000000 
_pdbx_struct_oper_list.matrix[2][1]         0.0000000000 
_pdbx_struct_oper_list.matrix[2][2]         1.0000000000 
_pdbx_struct_oper_list.matrix[2][3]         0.0000000000 
_pdbx_struct_oper_list.vector[2]            0.0000000000 
_pdbx_struct_oper_list.matrix[3][1]         0.0000000000 
_pdbx_struct_oper_list.matrix[3][2]         0.0000000000 
_pdbx_struct_oper_list.matrix[3][3]         1.0000000000 
_pdbx_struct_oper_list.vector[3]            0.0000000000 
# 
_struct_biol.id        1 
_struct_biol.details   ? 
# 
_struct_conf.conf_type_id            HELX_P 
_struct_conf.id                      HELX_P1 
_struct_conf.pdbx_PDB_helix_id       1 
_struct_conf.beg_label_comp_id       LEU 
_struct_conf.beg_label_asym_id       A 
_struct_conf.beg_label_seq_id        5 
_struct_conf.pdbx_beg_PDB_ins_code   ? 
_struct_conf.end_label_comp_id       THR 
_struct_conf.end_label_asym_id       A 
_struct_conf.end_label_seq_id        28 
_struct_conf.pdbx_end_PDB_ins_code   ? 
_struct_conf.beg_auth_comp_id        LEU 
_struct_conf.beg_auth_asym_id        A 
_struct_conf.beg_auth_seq_id         22 
_struct_conf.end_auth_comp_id        THR 
_struct_conf.end_auth_asym_id        A 
_struct_conf.end_auth_seq_id         45 
_struct_conf.pdbx_PDB_helix_class    1 
_struct_conf.details                 ? 
_struct_conf.pdbx_PDB_helix_length   24 
# 
_struct_conf_type.id          HELX_P 
_struct_conf_type.criteria    ? 
_struct_conf_type.reference   ? 
# 
_pdbx_nmr_ensemble.average_constraint_violations_per_residue     ? 
_pdbx_nmr_ensemble.average_constraints_per_residue               ? 
_pdbx_nmr_ensemble.average_distance_constraint_violation         ? 
_pdbx_nmr_ensemble.average_torsion_angle_constraint_violation    ? 
_pdbx_nmr_ensemble.conformer_selection_criteria                  'structures with the lowest energy' 
_pdbx_nmr_ensemble.conformers_calculated_total_number            20 
_pdbx_nmr_ensemble.conformers_submitted_total_number             1 
_pdbx_nmr_ensemble.distance_constraint_violation_method          ? 
_pdbx_nmr_ensemble.entry_id                                      2LK9 
_pdbx_nmr_ensemble.maximum_distance_constraint_violation         ? 
_pdbx_nmr_ensemble.maximum_lower_distance_constraint_violation   ? 
_pdbx_nmr_ensemble.maximum_torsion_angle_constraint_violation    ? 
_pdbx_nmr_ensemble.maximum_upper_distance_constraint_violation   ? 
_pdbx_nmr_ensemble.torsion_angle_constraint_violation_method     ? 
# 
_pdbx_nmr_representative.conformer_id         1 
_pdbx_nmr_representative.entry_id             2LK9 
_pdbx_nmr_representative.selection_criteria   'closest to the average' 
# 
_pdbx_nmr_sample_details.contents         '0.5 mM [U-100% 15N] BST, 90% H2O/10% D2O' 
_pdbx_nmr_sample_details.solution_id      1 
_pdbx_nmr_sample_details.solvent_system   '90% H2O/10% D2O' 
# 
_pdbx_nmr_exptl_sample.component             BST-2-1 
_pdbx_nmr_exptl_sample.concentration         0.5 
_pdbx_nmr_exptl_sample.concentration_range   ? 
_pdbx_nmr_exptl_sample.concentration_units   mM 
_pdbx_nmr_exptl_sample.isotopic_labeling     '[U-100% 15N]' 
_pdbx_nmr_exptl_sample.solution_id           1 
# 
_pdbx_nmr_exptl_sample_conditions.conditions_id       1 
_pdbx_nmr_exptl_sample_conditions.ionic_strength      0 
_pdbx_nmr_exptl_sample_conditions.pH                  7.4 
_pdbx_nmr_exptl_sample_conditions.pressure            ambient 
_pdbx_nmr_exptl_sample_conditions.pressure_units      ? 
_pdbx_nmr_exptl_sample_conditions.temperature         310 
_pdbx_nmr_exptl_sample_conditions.temperature_units   K 
# 
loop_
_pdbx_nmr_exptl.conditions_id 
_pdbx_nmr_exptl.experiment_id 
_pdbx_nmr_exptl.solution_id 
_pdbx_nmr_exptl.type 
1 1 1 '2D 1H-15N HSQC' 
1 2 1 '3D HNCA'        
# 
_pdbx_nmr_refine.entry_id           2LK9 
_pdbx_nmr_refine.method             'simulated annealing' 
_pdbx_nmr_refine.details            ? 
_pdbx_nmr_refine.software_ordinal   1 
# 
loop_
_pdbx_nmr_software.authors 
_pdbx_nmr_software.classification 
_pdbx_nmr_software.name 
_pdbx_nmr_software.version 
_pdbx_nmr_software.ordinal 
'Schwieters, Kuszewski, Tjandra and Clore'          'structure solution' 'X-PLOR NIH' ? 1 
'Schwieters, Kuszewski, Tjandra and Clore'          refinement           'X-PLOR NIH' ? 2 
'Delaglio, Grzesiek, Vuister, Zhu, Pfeifer and Bax' processing           NMRPipe      ? 3 
'Johnson, One Moon Scientific'                      'data analysis'      NMRView      ? 4 
# 
loop_
_pdbx_unobs_or_zero_occ_residues.id 
_pdbx_unobs_or_zero_occ_residues.PDB_model_num 
_pdbx_unobs_or_zero_occ_residues.polymer_flag 
_pdbx_unobs_or_zero_occ_residues.occupancy_flag 
_pdbx_unobs_or_zero_occ_residues.auth_asym_id 
_pdbx_unobs_or_zero_occ_residues.auth_comp_id 
_pdbx_unobs_or_zero_occ_residues.auth_seq_id 
_pdbx_unobs_or_zero_occ_residues.PDB_ins_code 
_pdbx_unobs_or_zero_occ_residues.label_asym_id 
_pdbx_unobs_or_zero_occ_residues.label_comp_id 
_pdbx_unobs_or_zero_occ_residues.label_seq_id 
1  1 Y 1 A LYS 18 ? A LYS 1  
2  1 Y 1 A ARG 19 ? A ARG 2  
3  1 Y 1 A SER 20 ? A SER 3  
4  1 Y 1 A LYS 21 ? A LYS 4  
5  1 Y 1 A ILE 46 ? A ILE 29 
6  1 Y 1 A LYS 47 ? A LYS 30 
7  1 Y 1 A LYS 48 ? A LYS 31 
8  1 Y 1 A LYS 49 ? A LYS 32 
9  1 Y 1 A LYS 50 ? A LYS 33 
10 1 Y 1 A LYS 51 ? A LYS 34 
11 1 Y 1 A LYS 52 ? A LYS 35 
# 
loop_
_chem_comp_atom.comp_id 
_chem_comp_atom.atom_id 
_chem_comp_atom.type_symbol 
_chem_comp_atom.pdbx_aromatic_flag 
_chem_comp_atom.pdbx_stereo_config 
_chem_comp_atom.pdbx_ordinal 
ARG N    N N N 1   
ARG CA   C N S 2   
ARG C    C N N 3   
ARG O    O N N 4   
ARG CB   C N N 5   
ARG CG   C N N 6   
ARG CD   C N N 7   
ARG NE   N N N 8   
ARG CZ   C N N 9   
ARG NH1  N N N 10  
ARG NH2  N N N 11  
ARG OXT  O N N 12  
ARG H    H N N 13  
ARG H2   H N N 14  
ARG HA   H N N 15  
ARG HB2  H N N 16  
ARG HB3  H N N 17  
ARG HG2  H N N 18  
ARG HG3  H N N 19  
ARG HD2  H N N 20  
ARG HD3  H N N 21  
ARG HE   H N N 22  
ARG HH11 H N N 23  
ARG HH12 H N N 24  
ARG HH21 H N N 25  
ARG HH22 H N N 26  
ARG HXT  H N N 27  
CYS N    N N N 28  
CYS CA   C N R 29  
CYS C    C N N 30  
CYS O    O N N 31  
CYS CB   C N N 32  
CYS SG   S N N 33  
CYS OXT  O N N 34  
CYS H    H N N 35  
CYS H2   H N N 36  
CYS HA   H N N 37  
CYS HB2  H N N 38  
CYS HB3  H N N 39  
CYS HG   H N N 40  
CYS HXT  H N N 41  
GLY N    N N N 42  
GLY CA   C N N 43  
GLY C    C N N 44  
GLY O    O N N 45  
GLY OXT  O N N 46  
GLY H    H N N 47  
GLY H2   H N N 48  
GLY HA2  H N N 49  
GLY HA3  H N N 50  
GLY HXT  H N N 51  
ILE N    N N N 52  
ILE CA   C N S 53  
ILE C    C N N 54  
ILE O    O N N 55  
ILE CB   C N S 56  
ILE CG1  C N N 57  
ILE CG2  C N N 58  
ILE CD1  C N N 59  
ILE OXT  O N N 60  
ILE H    H N N 61  
ILE H2   H N N 62  
ILE HA   H N N 63  
ILE HB   H N N 64  
ILE HG12 H N N 65  
ILE HG13 H N N 66  
ILE HG21 H N N 67  
ILE HG22 H N N 68  
ILE HG23 H N N 69  
ILE HD11 H N N 70  
ILE HD12 H N N 71  
ILE HD13 H N N 72  
ILE HXT  H N N 73  
LEU N    N N N 74  
LEU CA   C N S 75  
LEU C    C N N 76  
LEU O    O N N 77  
LEU CB   C N N 78  
LEU CG   C N N 79  
LEU CD1  C N N 80  
LEU CD2  C N N 81  
LEU OXT  O N N 82  
LEU H    H N N 83  
LEU H2   H N N 84  
LEU HA   H N N 85  
LEU HB2  H N N 86  
LEU HB3  H N N 87  
LEU HG   H N N 88  
LEU HD11 H N N 89  
LEU HD12 H N N 90  
LEU HD13 H N N 91  
LEU HD21 H N N 92  
LEU HD22 H N N 93  
LEU HD23 H N N 94  
LEU HXT  H N N 95  
LYS N    N N N 96  
LYS CA   C N S 97  
LYS C    C N N 98  
LYS O    O N N 99  
LYS CB   C N N 100 
LYS CG   C N N 101 
LYS CD   C N N 102 
LYS CE   C N N 103 
LYS NZ   N N N 104 
LYS OXT  O N N 105 
LYS H    H N N 106 
LYS H2   H N N 107 
LYS HA   H N N 108 
LYS HB2  H N N 109 
LYS HB3  H N N 110 
LYS HG2  H N N 111 
LYS HG3  H N N 112 
LYS HD2  H N N 113 
LYS HD3  H N N 114 
LYS HE2  H N N 115 
LYS HE3  H N N 116 
LYS HZ1  H N N 117 
LYS HZ2  H N N 118 
LYS HZ3  H N N 119 
LYS HXT  H N N 120 
PHE N    N N N 121 
PHE CA   C N S 122 
PHE C    C N N 123 
PHE O    O N N 124 
PHE CB   C N N 125 
PHE CG   C Y N 126 
PHE CD1  C Y N 127 
PHE CD2  C Y N 128 
PHE CE1  C Y N 129 
PHE CE2  C Y N 130 
PHE CZ   C Y N 131 
PHE OXT  O N N 132 
PHE H    H N N 133 
PHE H2   H N N 134 
PHE HA   H N N 135 
PHE HB2  H N N 136 
PHE HB3  H N N 137 
PHE HD1  H N N 138 
PHE HD2  H N N 139 
PHE HE1  H N N 140 
PHE HE2  H N N 141 
PHE HZ   H N N 142 
PHE HXT  H N N 143 
PRO N    N N N 144 
PRO CA   C N S 145 
PRO C    C N N 146 
PRO O    O N N 147 
PRO CB   C N N 148 
PRO CG   C N N 149 
PRO CD   C N N 150 
PRO OXT  O N N 151 
PRO H    H N N 152 
PRO HA   H N N 153 
PRO HB2  H N N 154 
PRO HB3  H N N 155 
PRO HG2  H N N 156 
PRO HG3  H N N 157 
PRO HD2  H N N 158 
PRO HD3  H N N 159 
PRO HXT  H N N 160 
SER N    N N N 161 
SER CA   C N S 162 
SER C    C N N 163 
SER O    O N N 164 
SER CB   C N N 165 
SER OG   O N N 166 
SER OXT  O N N 167 
SER H    H N N 168 
SER H2   H N N 169 
SER HA   H N N 170 
SER HB2  H N N 171 
SER HB3  H N N 172 
SER HG   H N N 173 
SER HXT  H N N 174 
THR N    N N N 175 
THR CA   C N S 176 
THR C    C N N 177 
THR O    O N N 178 
THR CB   C N R 179 
THR OG1  O N N 180 
THR CG2  C N N 181 
THR OXT  O N N 182 
THR H    H N N 183 
THR H2   H N N 184 
THR HA   H N N 185 
THR HB   H N N 186 
THR HG1  H N N 187 
THR HG21 H N N 188 
THR HG22 H N N 189 
THR HG23 H N N 190 
THR HXT  H N N 191 
VAL N    N N N 192 
VAL CA   C N S 193 
VAL C    C N N 194 
VAL O    O N N 195 
VAL CB   C N N 196 
VAL CG1  C N N 197 
VAL CG2  C N N 198 
VAL OXT  O N N 199 
VAL H    H N N 200 
VAL H2   H N N 201 
VAL HA   H N N 202 
VAL HB   H N N 203 
VAL HG11 H N N 204 
VAL HG12 H N N 205 
VAL HG13 H N N 206 
VAL HG21 H N N 207 
VAL HG22 H N N 208 
VAL HG23 H N N 209 
VAL HXT  H N N 210 
# 
loop_
_chem_comp_bond.comp_id 
_chem_comp_bond.atom_id_1 
_chem_comp_bond.atom_id_2 
_chem_comp_bond.value_order 
_chem_comp_bond.pdbx_aromatic_flag 
_chem_comp_bond.pdbx_stereo_config 
_chem_comp_bond.pdbx_ordinal 
ARG N   CA   sing N N 1   
ARG N   H    sing N N 2   
ARG N   H2   sing N N 3   
ARG CA  C    sing N N 4   
ARG CA  CB   sing N N 5   
ARG CA  HA   sing N N 6   
ARG C   O    doub N N 7   
ARG C   OXT  sing N N 8   
ARG CB  CG   sing N N 9   
ARG CB  HB2  sing N N 10  
ARG CB  HB3  sing N N 11  
ARG CG  CD   sing N N 12  
ARG CG  HG2  sing N N 13  
ARG CG  HG3  sing N N 14  
ARG CD  NE   sing N N 15  
ARG CD  HD2  sing N N 16  
ARG CD  HD3  sing N N 17  
ARG NE  CZ   sing N N 18  
ARG NE  HE   sing N N 19  
ARG CZ  NH1  sing N N 20  
ARG CZ  NH2  doub N N 21  
ARG NH1 HH11 sing N N 22  
ARG NH1 HH12 sing N N 23  
ARG NH2 HH21 sing N N 24  
ARG NH2 HH22 sing N N 25  
ARG OXT HXT  sing N N 26  
CYS N   CA   sing N N 27  
CYS N   H    sing N N 28  
CYS N   H2   sing N N 29  
CYS CA  C    sing N N 30  
CYS CA  CB   sing N N 31  
CYS CA  HA   sing N N 32  
CYS C   O    doub N N 33  
CYS C   OXT  sing N N 34  
CYS CB  SG   sing N N 35  
CYS CB  HB2  sing N N 36  
CYS CB  HB3  sing N N 37  
CYS SG  HG   sing N N 38  
CYS OXT HXT  sing N N 39  
GLY N   CA   sing N N 40  
GLY N   H    sing N N 41  
GLY N   H2   sing N N 42  
GLY CA  C    sing N N 43  
GLY CA  HA2  sing N N 44  
GLY CA  HA3  sing N N 45  
GLY C   O    doub N N 46  
GLY C   OXT  sing N N 47  
GLY OXT HXT  sing N N 48  
ILE N   CA   sing N N 49  
ILE N   H    sing N N 50  
ILE N   H2   sing N N 51  
ILE CA  C    sing N N 52  
ILE CA  CB   sing N N 53  
ILE CA  HA   sing N N 54  
ILE C   O    doub N N 55  
ILE C   OXT  sing N N 56  
ILE CB  CG1  sing N N 57  
ILE CB  CG2  sing N N 58  
ILE CB  HB   sing N N 59  
ILE CG1 CD1  sing N N 60  
ILE CG1 HG12 sing N N 61  
ILE CG1 HG13 sing N N 62  
ILE CG2 HG21 sing N N 63  
ILE CG2 HG22 sing N N 64  
ILE CG2 HG23 sing N N 65  
ILE CD1 HD11 sing N N 66  
ILE CD1 HD12 sing N N 67  
ILE CD1 HD13 sing N N 68  
ILE OXT HXT  sing N N 69  
LEU N   CA   sing N N 70  
LEU N   H    sing N N 71  
LEU N   H2   sing N N 72  
LEU CA  C    sing N N 73  
LEU CA  CB   sing N N 74  
LEU CA  HA   sing N N 75  
LEU C   O    doub N N 76  
LEU C   OXT  sing N N 77  
LEU CB  CG   sing N N 78  
LEU CB  HB2  sing N N 79  
LEU CB  HB3  sing N N 80  
LEU CG  CD1  sing N N 81  
LEU CG  CD2  sing N N 82  
LEU CG  HG   sing N N 83  
LEU CD1 HD11 sing N N 84  
LEU CD1 HD12 sing N N 85  
LEU CD1 HD13 sing N N 86  
LEU CD2 HD21 sing N N 87  
LEU CD2 HD22 sing N N 88  
LEU CD2 HD23 sing N N 89  
LEU OXT HXT  sing N N 90  
LYS N   CA   sing N N 91  
LYS N   H    sing N N 92  
LYS N   H2   sing N N 93  
LYS CA  C    sing N N 94  
LYS CA  CB   sing N N 95  
LYS CA  HA   sing N N 96  
LYS C   O    doub N N 97  
LYS C   OXT  sing N N 98  
LYS CB  CG   sing N N 99  
LYS CB  HB2  sing N N 100 
LYS CB  HB3  sing N N 101 
LYS CG  CD   sing N N 102 
LYS CG  HG2  sing N N 103 
LYS CG  HG3  sing N N 104 
LYS CD  CE   sing N N 105 
LYS CD  HD2  sing N N 106 
LYS CD  HD3  sing N N 107 
LYS CE  NZ   sing N N 108 
LYS CE  HE2  sing N N 109 
LYS CE  HE3  sing N N 110 
LYS NZ  HZ1  sing N N 111 
LYS NZ  HZ2  sing N N 112 
LYS NZ  HZ3  sing N N 113 
LYS OXT HXT  sing N N 114 
PHE N   CA   sing N N 115 
PHE N   H    sing N N 116 
PHE N   H2   sing N N 117 
PHE CA  C    sing N N 118 
PHE CA  CB   sing N N 119 
PHE CA  HA   sing N N 120 
PHE C   O    doub N N 121 
PHE C   OXT  sing N N 122 
PHE CB  CG   sing N N 123 
PHE CB  HB2  sing N N 124 
PHE CB  HB3  sing N N 125 
PHE CG  CD1  doub Y N 126 
PHE CG  CD2  sing Y N 127 
PHE CD1 CE1  sing Y N 128 
PHE CD1 HD1  sing N N 129 
PHE CD2 CE2  doub Y N 130 
PHE CD2 HD2  sing N N 131 
PHE CE1 CZ   doub Y N 132 
PHE CE1 HE1  sing N N 133 
PHE CE2 CZ   sing Y N 134 
PHE CE2 HE2  sing N N 135 
PHE CZ  HZ   sing N N 136 
PHE OXT HXT  sing N N 137 
PRO N   CA   sing N N 138 
PRO N   CD   sing N N 139 
PRO N   H    sing N N 140 
PRO CA  C    sing N N 141 
PRO CA  CB   sing N N 142 
PRO CA  HA   sing N N 143 
PRO C   O    doub N N 144 
PRO C   OXT  sing N N 145 
PRO CB  CG   sing N N 146 
PRO CB  HB2  sing N N 147 
PRO CB  HB3  sing N N 148 
PRO CG  CD   sing N N 149 
PRO CG  HG2  sing N N 150 
PRO CG  HG3  sing N N 151 
PRO CD  HD2  sing N N 152 
PRO CD  HD3  sing N N 153 
PRO OXT HXT  sing N N 154 
SER N   CA   sing N N 155 
SER N   H    sing N N 156 
SER N   H2   sing N N 157 
SER CA  C    sing N N 158 
SER CA  CB   sing N N 159 
SER CA  HA   sing N N 160 
SER C   O    doub N N 161 
SER C   OXT  sing N N 162 
SER CB  OG   sing N N 163 
SER CB  HB2  sing N N 164 
SER CB  HB3  sing N N 165 
SER OG  HG   sing N N 166 
SER OXT HXT  sing N N 167 
THR N   CA   sing N N 168 
THR N   H    sing N N 169 
THR N   H2   sing N N 170 
THR CA  C    sing N N 171 
THR CA  CB   sing N N 172 
THR CA  HA   sing N N 173 
THR C   O    doub N N 174 
THR C   OXT  sing N N 175 
THR CB  OG1  sing N N 176 
THR CB  CG2  sing N N 177 
THR CB  HB   sing N N 178 
THR OG1 HG1  sing N N 179 
THR CG2 HG21 sing N N 180 
THR CG2 HG22 sing N N 181 
THR CG2 HG23 sing N N 182 
THR OXT HXT  sing N N 183 
VAL N   CA   sing N N 184 
VAL N   H    sing N N 185 
VAL N   H2   sing N N 186 
VAL CA  C    sing N N 187 
VAL CA  CB   sing N N 188 
VAL CA  HA   sing N N 189 
VAL C   O    doub N N 190 
VAL C   OXT  sing N N 191 
VAL CB  CG1  sing N N 192 
VAL CB  CG2  sing N N 193 
VAL CB  HB   sing N N 194 
VAL CG1 HG11 sing N N 195 
VAL CG1 HG12 sing N N 196 
VAL CG1 HG13 sing N N 197 
VAL CG2 HG21 sing N N 198 
VAL CG2 HG22 sing N N 199 
VAL CG2 HG23 sing N N 200 
VAL OXT HXT  sing N N 201 
# 
_pdbx_nmr_spectrometer.field_strength    600 
_pdbx_nmr_spectrometer.manufacturer      Bruker 
_pdbx_nmr_spectrometer.model             AVANCE 
_pdbx_nmr_spectrometer.spectrometer_id   1 
_pdbx_nmr_spectrometer.type              'Bruker Avance' 
# 
_atom_sites.entry_id                    2LK9 
_atom_sites.fract_transf_matrix[1][1]   1.000000 
_atom_sites.fract_transf_matrix[1][2]   0.000000 
_atom_sites.fract_transf_matrix[1][3]   0.000000 
_atom_sites.fract_transf_matrix[2][1]   0.000000 
_atom_sites.fract_transf_matrix[2][2]   1.000000 
_atom_sites.fract_transf_matrix[2][3]   0.000000 
_atom_sites.fract_transf_matrix[3][1]   0.000000 
_atom_sites.fract_transf_matrix[3][2]   0.000000 
_atom_sites.fract_transf_matrix[3][3]   1.000000 
_atom_sites.fract_transf_vector[1]      0.00000 
_atom_sites.fract_transf_vector[2]      0.00000 
_atom_sites.fract_transf_vector[3]      0.00000 
# 
loop_
_atom_type.symbol 
C 
H 
N 
O 
# 
loop_
_atom_site.group_PDB 
_atom_site.id 
_atom_site.type_symbol 
_atom_site.label_atom_id 
_atom_site.label_alt_id 
_atom_site.label_comp_id 
_atom_site.label_asym_id 
_atom_site.label_entity_id 
_atom_site.label_seq_id 
_atom_site.pdbx_PDB_ins_code 
_atom_site.Cartn_x 
_atom_site.Cartn_y 
_atom_site.Cartn_z 
_atom_site.occupancy 
_atom_site.B_iso_or_equiv 
_atom_site.pdbx_formal_charge 
_atom_site.auth_seq_id 
_atom_site.auth_comp_id 
_atom_site.auth_asym_id 
_atom_site.auth_atom_id 
_atom_site.pdbx_PDB_model_num 
ATOM 1   N N   . LEU A 1 5  ? -2.782 -19.003 5.003  1.00 0.00 ? 22 LEU A N   1 
ATOM 2   C CA  . LEU A 1 5  ? -3.993 -18.417 5.648  1.00 0.00 ? 22 LEU A CA  1 
ATOM 3   C C   . LEU A 1 5  ? -4.421 -17.179 4.864  1.00 0.00 ? 22 LEU A C   1 
ATOM 4   O O   . LEU A 1 5  ? -3.600 -16.392 4.434  1.00 0.00 ? 22 LEU A O   1 
ATOM 5   H H   . LEU A 1 5  ? -1.891 -18.691 5.255  1.00 0.00 ? 22 LEU A H   1 
ATOM 6   H HA  . LEU A 1 5  ? -4.798 -19.136 5.646  1.00 0.00 ? 22 LEU A HA  1 
ATOM 7   N N   . LEU A 1 6  ? -5.697 -16.990 4.678  1.00 0.00 ? 23 LEU A N   1 
ATOM 8   C CA  . LEU A 1 6  ? -6.165 -15.797 3.927  1.00 0.00 ? 23 LEU A CA  1 
ATOM 9   C C   . LEU A 1 6  ? -5.739 -14.522 4.660  1.00 0.00 ? 23 LEU A C   1 
ATOM 10  O O   . LEU A 1 6  ? -5.428 -13.520 4.050  1.00 0.00 ? 23 LEU A O   1 
ATOM 11  H H   . LEU A 1 6  ? -6.352 -17.620 5.044  1.00 0.00 ? 23 LEU A H   1 
ATOM 12  H HA  . LEU A 1 6  ? -5.723 -15.798 2.946  1.00 0.00 ? 23 LEU A HA  1 
ATOM 13  N N   . LEU A 1 7  ? -5.736 -14.546 5.966  1.00 0.00 ? 24 LEU A N   1 
ATOM 14  C CA  . LEU A 1 7  ? -5.339 -13.323 6.724  1.00 0.00 ? 24 LEU A CA  1 
ATOM 15  C C   . LEU A 1 7  ? -3.906 -12.969 6.300  1.00 0.00 ? 24 LEU A C   1 
ATOM 16  O O   . LEU A 1 7  ? -3.571 -11.824 6.082  1.00 0.00 ? 24 LEU A O   1 
ATOM 17  H H   . LEU A 1 7  ? -5.999 -15.366 6.435  1.00 0.00 ? 24 LEU A H   1 
ATOM 18  H HA  . LEU A 1 7  ? -6.008 -12.508 6.487  1.00 0.00 ? 24 LEU A HA  1 
ATOM 19  N N   . GLY A 1 8  ? -3.058 -13.950 6.137  1.00 0.00 ? 25 GLY A N   1 
ATOM 20  C CA  . GLY A 1 8  ? -1.664 -13.649 5.700  1.00 0.00 ? 25 GLY A CA  1 
ATOM 21  C C   . GLY A 1 8  ? -1.696 -12.916 4.362  1.00 0.00 ? 25 GLY A C   1 
ATOM 22  O O   . GLY A 1 8  ? -0.955 -11.980 4.131  1.00 0.00 ? 25 GLY A O   1 
ATOM 23  H H   . GLY A 1 8  ? -3.336 -14.880 6.277  1.00 0.00 ? 25 GLY A H   1 
ATOM 24  H HA2 . GLY A 1 8  ? -1.182 -13.029 6.442  1.00 0.00 ? 25 GLY A HA2 1 
ATOM 25  H HA3 . GLY A 1 8  ? -1.114 -14.572 5.587  1.00 0.00 ? 25 GLY A HA3 1 
ATOM 26  N N   . ILE A 1 9  ? -2.567 -13.328 3.485  1.00 0.00 ? 26 ILE A N   1 
ATOM 27  C CA  . ILE A 1 9  ? -2.685 -12.659 2.162  1.00 0.00 ? 26 ILE A CA  1 
ATOM 28  C C   . ILE A 1 9  ? -3.095 -11.196 2.365  1.00 0.00 ? 26 ILE A C   1 
ATOM 29  O O   . ILE A 1 9  ? -2.629 -10.307 1.681  1.00 0.00 ? 26 ILE A O   1 
ATOM 30  H H   . ILE A 1 9  ? -3.169 -14.068 3.708  1.00 0.00 ? 26 ILE A H   1 
ATOM 31  H HA  . ILE A 1 9  ? -1.731 -12.684 1.659  1.00 0.00 ? 26 ILE A HA  1 
ATOM 32  N N   . GLY A 1 10 ? -3.978 -10.946 3.298  1.00 0.00 ? 27 GLY A N   1 
ATOM 33  C CA  . GLY A 1 10 ? -4.453 -9.556  3.562  1.00 0.00 ? 27 GLY A CA  1 
ATOM 34  C C   . GLY A 1 10 ? -3.290 -8.612  3.871  1.00 0.00 ? 27 GLY A C   1 
ATOM 35  O O   . GLY A 1 10 ? -3.312 -7.455  3.500  1.00 0.00 ? 27 GLY A O   1 
ATOM 36  H H   . GLY A 1 10 ? -4.344 -11.671 3.849  1.00 0.00 ? 27 GLY A H   1 
ATOM 37  H HA2 . GLY A 1 10 ? -4.981 -9.191  2.693  1.00 0.00 ? 27 GLY A HA2 1 
ATOM 38  H HA3 . GLY A 1 10 ? -5.129 -9.569  4.405  1.00 0.00 ? 27 GLY A HA3 1 
ATOM 39  N N   . ILE A 1 11 ? -2.292 -9.069  4.578  1.00 0.00 ? 28 ILE A N   1 
ATOM 40  C CA  . ILE A 1 11 ? -1.173 -8.151  4.927  1.00 0.00 ? 28 ILE A CA  1 
ATOM 41  C C   . ILE A 1 11 ? -0.610 -7.527  3.649  1.00 0.00 ? 28 ILE A C   1 
ATOM 42  O O   . ILE A 1 11 ? -0.315 -6.353  3.610  1.00 0.00 ? 28 ILE A O   1 
ATOM 43  H H   . ILE A 1 11 ? -2.288 -9.994  4.900  1.00 0.00 ? 28 ILE A H   1 
ATOM 44  H HA  . ILE A 1 11 ? -1.535 -7.371  5.579  1.00 0.00 ? 28 ILE A HA  1 
ATOM 45  N N   . LEU A 1 12 ? -0.454 -8.295  2.604  1.00 0.00 ? 29 LEU A N   1 
ATOM 46  C CA  . LEU A 1 12 ? 0.096  -7.755  1.327  1.00 0.00 ? 29 LEU A CA  1 
ATOM 47  C C   . LEU A 1 12 ? -0.729 -6.563  0.835  1.00 0.00 ? 29 LEU A C   1 
ATOM 48  O O   . LEU A 1 12 ? -0.193 -5.621  0.283  1.00 0.00 ? 29 LEU A O   1 
ATOM 49  H H   . LEU A 1 12 ? -0.665 -9.251  2.632  1.00 0.00 ? 29 LEU A H   1 
ATOM 50  H HA  . LEU A 1 12 ? 1.115  -7.438  1.488  1.00 0.00 ? 29 LEU A HA  1 
ATOM 51  N N   . VAL A 1 13 ? -2.021 -6.588  1.001  1.00 0.00 ? 30 VAL A N   1 
ATOM 52  C CA  . VAL A 1 13 ? -2.851 -5.451  0.513  1.00 0.00 ? 30 VAL A CA  1 
ATOM 53  C C   . VAL A 1 13 ? -2.413 -4.139  1.168  1.00 0.00 ? 30 VAL A C   1 
ATOM 54  O O   . VAL A 1 13 ? -2.367 -3.110  0.525  1.00 0.00 ? 30 VAL A O   1 
ATOM 55  H H   . VAL A 1 13 ? -2.459 -7.332  1.465  1.00 0.00 ? 30 VAL A H   1 
ATOM 56  H HA  . VAL A 1 13 ? -2.745 -5.368  -0.557 1.00 0.00 ? 30 VAL A HA  1 
ATOM 57  N N   . LEU A 1 14 ? -2.102 -4.150  2.437  1.00 0.00 ? 31 LEU A N   1 
ATOM 58  C CA  . LEU A 1 14 ? -1.687 -2.875  3.094  1.00 0.00 ? 31 LEU A CA  1 
ATOM 59  C C   . LEU A 1 14 ? -0.453 -2.307  2.382  1.00 0.00 ? 31 LEU A C   1 
ATOM 60  O O   . LEU A 1 14 ? -0.340 -1.114  2.181  1.00 0.00 ? 31 LEU A O   1 
ATOM 61  H H   . LEU A 1 14 ? -2.141 -4.980  2.950  1.00 0.00 ? 31 LEU A H   1 
ATOM 62  H HA  . LEU A 1 14 ? -2.495 -2.163  3.018  1.00 0.00 ? 31 LEU A HA  1 
ATOM 63  N N   . LEU A 1 15 ? 0.462  -3.148  1.980  1.00 0.00 ? 32 LEU A N   1 
ATOM 64  C CA  . LEU A 1 15 ? 1.677  -2.656  1.263  1.00 0.00 ? 32 LEU A CA  1 
ATOM 65  C C   . LEU A 1 15 ? 1.275  -1.945  -0.029 1.00 0.00 ? 32 LEU A C   1 
ATOM 66  O O   . LEU A 1 15 ? 1.867  -0.956  -0.412 1.00 0.00 ? 32 LEU A O   1 
ATOM 67  H H   . LEU A 1 15 ? 0.348  -4.106  2.135  1.00 0.00 ? 32 LEU A H   1 
ATOM 68  H HA  . LEU A 1 15 ? 2.190  -1.946  1.895  1.00 0.00 ? 32 LEU A HA  1 
ATOM 69  N N   . ILE A 1 16 ? 0.263  -2.426  -0.700 1.00 0.00 ? 33 ILE A N   1 
ATOM 70  C CA  . ILE A 1 16 ? -0.174 -1.752  -1.956 1.00 0.00 ? 33 ILE A CA  1 
ATOM 71  C C   . ILE A 1 16 ? -0.570 -0.305  -1.642 1.00 0.00 ? 33 ILE A C   1 
ATOM 72  O O   . ILE A 1 16 ? -0.264 0.602   -2.380 1.00 0.00 ? 33 ILE A O   1 
ATOM 73  H H   . ILE A 1 16 ? -0.242 -3.189  -0.349 1.00 0.00 ? 33 ILE A H   1 
ATOM 74  H HA  . ILE A 1 16 ? 0.635  -1.748  -2.668 1.00 0.00 ? 33 ILE A HA  1 
ATOM 75  N N   . ILE A 1 17 ? -1.249 -0.082  -0.550 1.00 0.00 ? 34 ILE A N   1 
ATOM 76  C CA  . ILE A 1 17 ? -1.660 1.306   -0.187 1.00 0.00 ? 34 ILE A CA  1 
ATOM 77  C C   . ILE A 1 17 ? -0.421 2.196   -0.025 1.00 0.00 ? 34 ILE A C   1 
ATOM 78  O O   . ILE A 1 17 ? -0.414 3.350   -0.408 1.00 0.00 ? 34 ILE A O   1 
ATOM 79  H H   . ILE A 1 17 ? -1.483 -0.821  0.048  1.00 0.00 ? 34 ILE A H   1 
ATOM 80  H HA  . ILE A 1 17 ? -2.293 1.709   -0.963 1.00 0.00 ? 34 ILE A HA  1 
ATOM 81  N N   . VAL A 1 18 ? 0.615  1.669   0.572  1.00 0.00 ? 35 VAL A N   1 
ATOM 82  C CA  . VAL A 1 18 ? 1.854  2.473   0.803  1.00 0.00 ? 35 VAL A CA  1 
ATOM 83  C C   . VAL A 1 18 ? 2.458  2.960   -0.520 1.00 0.00 ? 35 VAL A C   1 
ATOM 84  O O   . VAL A 1 18 ? 2.915  4.080   -0.622 1.00 0.00 ? 35 VAL A O   1 
ATOM 85  H H   . VAL A 1 18 ? 0.570  0.743   0.888  1.00 0.00 ? 35 VAL A H   1 
ATOM 86  H HA  . VAL A 1 18 ? 1.613  3.328   1.416  1.00 0.00 ? 35 VAL A HA  1 
ATOM 87  N N   . ILE A 1 19 ? 2.481  2.135   -1.530 1.00 0.00 ? 36 ILE A N   1 
ATOM 88  C CA  . ILE A 1 19 ? 3.075  2.579   -2.823 1.00 0.00 ? 36 ILE A CA  1 
ATOM 89  C C   . ILE A 1 19 ? 2.260  3.748   -3.389 1.00 0.00 ? 36 ILE A C   1 
ATOM 90  O O   . ILE A 1 19 ? 2.798  4.655   -3.993 1.00 0.00 ? 36 ILE A O   1 
ATOM 91  H H   . ILE A 1 19 ? 2.122  1.228   -1.434 1.00 0.00 ? 36 ILE A H   1 
ATOM 92  H HA  . ILE A 1 19 ? 4.075  2.941   -2.622 1.00 0.00 ? 36 ILE A HA  1 
ATOM 93  N N   . LEU A 1 20 ? 0.971  3.751   -3.169 1.00 0.00 ? 37 LEU A N   1 
ATOM 94  C CA  . LEU A 1 20 ? 0.122  4.871   -3.659 1.00 0.00 ? 37 LEU A CA  1 
ATOM 95  C C   . LEU A 1 20 ? 0.594  6.185   -3.022 1.00 0.00 ? 37 LEU A C   1 
ATOM 96  O O   . LEU A 1 20 ? 0.560  7.225   -3.636 1.00 0.00 ? 37 LEU A O   1 
ATOM 97  H H   . LEU A 1 20 ? 0.557  3.047   -2.628 1.00 0.00 ? 37 LEU A H   1 
ATOM 98  H HA  . LEU A 1 20 ? 0.205  4.948   -4.731 1.00 0.00 ? 37 LEU A HA  1 
ATOM 99  N N   . GLY A 1 21 ? 0.999  6.152   -1.782 1.00 0.00 ? 38 GLY A N   1 
ATOM 100 C CA  . GLY A 1 21 ? 1.459  7.399   -1.099 1.00 0.00 ? 38 GLY A CA  1 
ATOM 101 C C   . GLY A 1 21 ? 2.680  8.034   -1.797 1.00 0.00 ? 38 GLY A C   1 
ATOM 102 O O   . GLY A 1 21 ? 2.849  9.232   -1.786 1.00 0.00 ? 38 GLY A O   1 
ATOM 103 H H   . GLY A 1 21 ? 1.016  5.310   -1.281 1.00 0.00 ? 38 GLY A H   1 
ATOM 104 H HA2 . GLY A 1 21 ? 0.652  8.113   -1.087 1.00 0.00 ? 38 GLY A HA2 1 
ATOM 105 H HA3 . GLY A 1 21 ? 1.727  7.157   -0.079 1.00 0.00 ? 38 GLY A HA3 1 
ATOM 106 N N   . VAL A 1 22 ? 3.569  7.244   -2.334 1.00 0.00 ? 39 VAL A N   1 
ATOM 107 C CA  . VAL A 1 22 ? 4.809  7.837   -2.945 1.00 0.00 ? 39 VAL A CA  1 
ATOM 108 C C   . VAL A 1 22 ? 4.501  8.970   -3.952 1.00 0.00 ? 39 VAL A C   1 
ATOM 109 O O   . VAL A 1 22 ? 4.994  10.067  -3.788 1.00 0.00 ? 39 VAL A O   1 
ATOM 110 H H   . VAL A 1 22 ? 3.446  6.273   -2.281 1.00 0.00 ? 39 VAL A H   1 
ATOM 111 H HA  . VAL A 1 22 ? 5.404  8.256   -2.146 1.00 0.00 ? 39 VAL A HA  1 
ATOM 112 N N   . PRO A 1 23 ? 3.685  8.757   -4.960 1.00 0.00 ? 40 PRO A N   1 
ATOM 113 C CA  . PRO A 1 23 ? 3.339  9.842   -5.927 1.00 0.00 ? 40 PRO A CA  1 
ATOM 114 C C   . PRO A 1 23 ? 2.716  11.055  -5.227 1.00 0.00 ? 40 PRO A C   1 
ATOM 115 O O   . PRO A 1 23 ? 2.704  12.150  -5.753 1.00 0.00 ? 40 PRO A O   1 
ATOM 116 H HA  . PRO A 1 23 ? 4.226  10.149  -6.459 1.00 0.00 ? 40 PRO A HA  1 
ATOM 117 N N   . LEU A 1 24 ? 2.199  10.868  -4.041 1.00 0.00 ? 41 LEU A N   1 
ATOM 118 C CA  . LEU A 1 24 ? 1.583  12.010  -3.308 1.00 0.00 ? 41 LEU A CA  1 
ATOM 119 C C   . LEU A 1 24 ? 2.619  13.128  -3.218 1.00 0.00 ? 41 LEU A C   1 
ATOM 120 O O   . LEU A 1 24 ? 2.303  14.297  -3.319 1.00 0.00 ? 41 LEU A O   1 
ATOM 121 H H   . LEU A 1 24 ? 2.213  9.976   -3.635 1.00 0.00 ? 41 LEU A H   1 
ATOM 122 H HA  . LEU A 1 24 ? 0.708  12.357  -3.832 1.00 0.00 ? 41 LEU A HA  1 
ATOM 123 N N   . ILE A 1 25 ? 3.856  12.773  -3.002 1.00 0.00 ? 42 ILE A N   1 
ATOM 124 C CA  . ILE A 1 25 ? 4.909  13.815  -2.875 1.00 0.00 ? 42 ILE A CA  1 
ATOM 125 C C   . ILE A 1 25 ? 4.893  14.726  -4.105 1.00 0.00 ? 42 ILE A C   1 
ATOM 126 O O   . ILE A 1 25 ? 5.010  15.929  -3.983 1.00 0.00 ? 42 ILE A O   1 
ATOM 127 H H   . ILE A 1 25 ? 4.073  11.823  -2.898 1.00 0.00 ? 42 ILE A H   1 
ATOM 128 H HA  . ILE A 1 25 ? 4.727  14.404  -1.989 1.00 0.00 ? 42 ILE A HA  1 
ATOM 129 N N   . ILE A 1 26 ? 4.770  14.187  -5.290 1.00 0.00 ? 43 ILE A N   1 
ATOM 130 C CA  . ILE A 1 26 ? 4.773  15.072  -6.490 1.00 0.00 ? 43 ILE A CA  1 
ATOM 131 C C   . ILE A 1 26 ? 3.647  16.102  -6.370 1.00 0.00 ? 43 ILE A C   1 
ATOM 132 O O   . ILE A 1 26 ? 3.844  17.273  -6.618 1.00 0.00 ? 43 ILE A O   1 
ATOM 133 H H   . ILE A 1 26 ? 4.711  13.215  -5.405 1.00 0.00 ? 43 ILE A H   1 
ATOM 134 H HA  . ILE A 1 26 ? 5.717  15.588  -6.560 1.00 0.00 ? 43 ILE A HA  1 
ATOM 135 N N   . PHE A 1 27 ? 2.478  15.686  -5.961 1.00 0.00 ? 44 PHE A N   1 
ATOM 136 C CA  . PHE A 1 27 ? 1.367  16.669  -5.800 1.00 0.00 ? 44 PHE A CA  1 
ATOM 137 C C   . PHE A 1 27 ? 1.761  17.697  -4.738 1.00 0.00 ? 44 PHE A C   1 
ATOM 138 O O   . PHE A 1 27 ? 1.508  18.878  -4.870 1.00 0.00 ? 44 PHE A O   1 
ATOM 139 H H   . PHE A 1 27 ? 2.353  14.739  -5.739 1.00 0.00 ? 44 PHE A H   1 
ATOM 140 H HA  . PHE A 1 27 ? 1.205  17.176  -6.739 1.00 0.00 ? 44 PHE A HA  1 
ATOM 141 N N   . THR A 1 28 ? 2.370  17.243  -3.676 1.00 0.00 ? 45 THR A N   1 
ATOM 142 C CA  . THR A 1 28 ? 2.783  18.167  -2.583 1.00 0.00 ? 45 THR A CA  1 
ATOM 143 C C   . THR A 1 28 ? 3.701  19.261  -3.138 1.00 0.00 ? 45 THR A C   1 
ATOM 144 O O   . THR A 1 28 ? 3.620  20.407  -2.745 1.00 0.00 ? 45 THR A O   1 
ATOM 145 H H   . THR A 1 28 ? 2.527  16.279  -3.584 1.00 0.00 ? 45 THR A H   1 
ATOM 146 H HA  . THR A 1 28 ? 1.905  18.623  -2.150 1.00 0.00 ? 45 THR A HA  1 
# 
